data_7KGP
#
_entry.id   7KGP
#
_cell.length_a   60.192
_cell.length_b   79.546
_cell.length_c   111.578
_cell.angle_alpha   90.000
_cell.angle_beta   90.000
_cell.angle_gamma   90.000
#
_symmetry.space_group_name_H-M   'P 21 21 21'
#
loop_
_entity.id
_entity.type
_entity.pdbx_description
1 polymer 'MHC class I antigen'
2 polymer Beta-2-microglobulin
3 polymer Nucleoprotein
4 non-polymer 'ACETATE ION'
5 non-polymer 'CADMIUM ION'
6 non-polymer 'SODIUM ION'
7 water water
#
loop_
_entity_poly.entity_id
_entity_poly.type
_entity_poly.pdbx_seq_one_letter_code
_entity_poly.pdbx_strand_id
1 'polypeptide(L)'
;GSHSMRYFFTSVSRPGRGEPRFIAVGYVDDTQFVRFDSDAASQRMEPRAPWIEQEGPEYWDGETRKVKAHSQTHRVDLGT
LRGYYNQSEAGSHTVQRMYGCDVGSDWRFLRGYHQYAYDGKDYIALKEDLRSWTAADMAAQTTKHKWEAAHVAEQLRAYL
EGTCVEWLRRYLENGKETLQRTDAPKTHMTHHAVSDHEATLRCWALSFYPAEITLTWQRDGEDQTQDTELVETRPAGDGT
FQKWVAVVVPSGQEQRYTCHVQHEGLPKPLTLRWEPSS
;
A
2 'polypeptide(L)'
;IQRTPKIQVYSRHPAENGKSNFLNCYVSGFHPSDIEVDLLKNGERIEKVEHSDLSFSKDWSFYLLYYTEFTPTEKDEYAC
RVNHVTLSQPKIVKWDRDM
;
B
3 'polypeptide(L)' GMSRIGMEV C
#
loop_
_chem_comp.id
_chem_comp.type
_chem_comp.name
_chem_comp.formula
ACT non-polymer 'ACETATE ION' 'C2 H3 O2 -1'
CD non-polymer 'CADMIUM ION' 'Cd 2'
NA non-polymer 'SODIUM ION' 'Na 1'
#
# COMPACT_ATOMS: atom_id res chain seq x y z
N GLY A 1 13.01 16.36 3.73
CA GLY A 1 13.06 15.67 2.44
C GLY A 1 11.87 15.96 1.57
N SER A 2 11.64 15.11 0.57
CA SER A 2 10.51 15.28 -0.34
CA SER A 2 10.52 15.27 -0.34
C SER A 2 9.23 14.68 0.23
N HIS A 3 8.06 15.17 -0.22
CA HIS A 3 6.78 14.69 0.30
C HIS A 3 5.72 14.57 -0.77
N SER A 4 4.64 13.85 -0.47
CA SER A 4 3.54 13.67 -1.39
C SER A 4 2.22 13.61 -0.66
N MET A 5 1.14 14.01 -1.37
CA MET A 5 -0.23 13.80 -0.91
C MET A 5 -0.93 13.05 -2.03
N ARG A 6 -1.58 11.93 -1.67
CA ARG A 6 -2.22 11.08 -2.67
C ARG A 6 -3.54 10.55 -2.22
N TYR A 7 -4.53 10.52 -3.12
CA TYR A 7 -5.85 9.95 -2.85
C TYR A 7 -6.07 8.78 -3.79
N PHE A 8 -6.66 7.71 -3.24
CA PHE A 8 -6.93 6.44 -3.95
C PHE A 8 -8.39 6.12 -3.81
N PHE A 9 -9.04 5.75 -4.92
CA PHE A 9 -10.47 5.47 -4.92
C PHE A 9 -10.71 4.19 -5.67
N THR A 10 -11.56 3.32 -5.14
CA THR A 10 -11.95 2.07 -5.80
C THR A 10 -13.46 1.93 -5.74
N SER A 11 -14.10 1.69 -6.90
CA SER A 11 -15.52 1.37 -6.94
C SER A 11 -15.72 0.05 -7.62
N VAL A 12 -16.53 -0.82 -7.01
CA VAL A 12 -16.79 -2.16 -7.55
C VAL A 12 -18.30 -2.33 -7.74
N SER A 13 -18.72 -2.55 -8.99
CA SER A 13 -20.17 -2.69 -9.24
C SER A 13 -20.73 -3.97 -8.63
N ARG A 14 -22.01 -3.90 -8.23
CA ARG A 14 -22.73 -5.02 -7.60
C ARG A 14 -24.06 -5.16 -8.34
N PRO A 15 -24.05 -5.72 -9.56
CA PRO A 15 -25.30 -5.75 -10.36
C PRO A 15 -26.51 -6.48 -9.79
N GLY A 16 -26.31 -7.45 -8.91
CA GLY A 16 -27.42 -8.17 -8.31
C GLY A 16 -28.34 -7.27 -7.49
N ARG A 17 -27.76 -6.27 -6.81
CA ARG A 17 -28.53 -5.33 -6.02
C ARG A 17 -27.68 -4.15 -5.57
N GLY A 18 -28.24 -2.95 -5.70
CA GLY A 18 -27.65 -1.76 -5.11
C GLY A 18 -26.55 -1.06 -5.86
N GLU A 19 -25.94 -0.12 -5.18
CA GLU A 19 -24.88 0.73 -5.72
C GLU A 19 -23.51 0.06 -5.53
N PRO A 20 -22.49 0.56 -6.25
CA PRO A 20 -21.17 -0.03 -6.12
C PRO A 20 -20.58 0.11 -4.71
N ARG A 21 -19.68 -0.83 -4.36
CA ARG A 21 -18.92 -0.72 -3.11
C ARG A 21 -17.87 0.35 -3.42
N PHE A 22 -17.72 1.36 -2.58
CA PHE A 22 -16.79 2.46 -2.82
C PHE A 22 -15.89 2.68 -1.61
N ILE A 23 -14.58 2.68 -1.83
CA ILE A 23 -13.58 2.90 -0.77
C ILE A 23 -12.61 3.98 -1.22
N ALA A 24 -12.45 5.03 -0.42
CA ALA A 24 -11.50 6.12 -0.69
C ALA A 24 -10.54 6.22 0.47
N VAL A 25 -9.25 6.44 0.17
CA VAL A 25 -8.24 6.66 1.22
C VAL A 25 -7.33 7.79 0.81
N GLY A 26 -6.89 8.58 1.79
CA GLY A 26 -5.94 9.66 1.55
C GLY A 26 -4.67 9.41 2.31
N TYR A 27 -3.53 9.72 1.70
CA TYR A 27 -2.21 9.55 2.33
C TYR A 27 -1.39 10.83 2.24
N VAL A 28 -0.55 11.05 3.25
CA VAL A 28 0.55 11.99 3.20
C VAL A 28 1.78 11.09 3.32
N ASP A 29 2.61 11.04 2.28
CA ASP A 29 3.75 10.11 2.22
C ASP A 29 3.21 8.68 2.42
N ASP A 30 3.72 7.91 3.39
CA ASP A 30 3.21 6.56 3.65
C ASP A 30 2.25 6.49 4.84
N THR A 31 1.65 7.63 5.21
CA THR A 31 0.71 7.70 6.32
C THR A 31 -0.73 7.90 5.85
N GLN A 32 -1.62 6.95 6.10
CA GLN A 32 -3.03 7.11 5.77
CA GLN A 32 -3.04 7.12 5.75
C GLN A 32 -3.61 8.11 6.76
N PHE A 33 -4.38 9.10 6.28
CA PHE A 33 -4.93 10.09 7.23
C PHE A 33 -6.45 10.23 7.14
N VAL A 34 -7.10 9.84 6.03
CA VAL A 34 -8.57 9.90 5.91
C VAL A 34 -9.06 8.68 5.18
N ARG A 35 -10.33 8.33 5.39
CA ARG A 35 -10.97 7.23 4.69
C ARG A 35 -12.45 7.47 4.52
N PHE A 36 -13.04 6.84 3.50
CA PHE A 36 -14.48 6.76 3.30
C PHE A 36 -14.78 5.36 2.84
N ASP A 37 -15.79 4.72 3.40
CA ASP A 37 -16.23 3.39 2.95
C ASP A 37 -17.74 3.44 2.84
N SER A 38 -18.29 3.22 1.64
CA SER A 38 -19.73 3.24 1.42
C SER A 38 -20.49 2.25 2.32
N ASP A 39 -19.84 1.19 2.78
CA ASP A 39 -20.47 0.20 3.66
C ASP A 39 -20.45 0.62 5.15
N ALA A 40 -19.70 1.67 5.51
CA ALA A 40 -19.59 2.10 6.91
C ALA A 40 -20.81 2.92 7.34
N ALA A 41 -21.07 2.96 8.65
CA ALA A 41 -22.25 3.62 9.19
C ALA A 41 -22.28 5.14 9.11
N SER A 42 -21.14 5.81 9.26
CA SER A 42 -21.14 7.27 9.34
C SER A 42 -21.61 7.96 8.08
N GLN A 43 -21.26 7.38 6.91
CA GLN A 43 -21.45 8.04 5.61
C GLN A 43 -20.73 9.41 5.59
N ARG A 44 -19.57 9.47 6.30
CA ARG A 44 -18.77 10.69 6.34
C ARG A 44 -17.33 10.31 6.00
N MET A 45 -16.57 11.29 5.54
CA MET A 45 -15.11 11.15 5.46
C MET A 45 -14.63 11.08 6.94
N GLU A 46 -13.79 10.10 7.27
CA GLU A 46 -13.36 9.85 8.65
C GLU A 46 -11.87 10.06 8.85
N PRO A 47 -11.47 10.54 10.02
CA PRO A 47 -10.03 10.72 10.29
C PRO A 47 -9.37 9.37 10.62
N ARG A 48 -8.10 9.26 10.26
CA ARG A 48 -7.25 8.10 10.50
C ARG A 48 -5.84 8.51 11.03
N ALA A 49 -5.62 9.78 11.34
CA ALA A 49 -4.34 10.23 11.93
C ALA A 49 -4.67 11.33 12.93
N PRO A 50 -3.94 11.39 14.06
CA PRO A 50 -4.28 12.40 15.08
C PRO A 50 -4.25 13.84 14.60
N TRP A 51 -3.32 14.17 13.68
CA TRP A 51 -3.12 15.53 13.22
C TRP A 51 -4.22 16.05 12.28
N ILE A 52 -5.04 15.17 11.71
CA ILE A 52 -6.17 15.61 10.89
C ILE A 52 -7.40 15.88 11.78
N GLU A 53 -7.46 15.31 13.00
CA GLU A 53 -8.58 15.56 13.90
C GLU A 53 -8.64 17.04 14.34
N GLN A 54 -7.54 17.79 14.19
CA GLN A 54 -7.50 19.22 14.46
C GLN A 54 -8.50 19.97 13.55
N GLU A 55 -8.80 19.42 12.36
CA GLU A 55 -9.70 20.08 11.42
C GLU A 55 -11.13 20.17 11.94
N GLY A 56 -11.75 21.32 11.74
CA GLY A 56 -13.09 21.59 12.21
C GLY A 56 -14.21 21.02 11.36
N PRO A 57 -15.47 21.23 11.79
CA PRO A 57 -16.61 20.67 11.05
C PRO A 57 -16.73 21.08 9.59
N GLU A 58 -16.34 22.30 9.21
CA GLU A 58 -16.43 22.73 7.80
C GLU A 58 -15.53 21.84 6.93
N TYR A 59 -14.35 21.47 7.44
CA TYR A 59 -13.44 20.56 6.72
C TYR A 59 -14.14 19.21 6.47
N TRP A 60 -14.68 18.58 7.51
CA TRP A 60 -15.31 17.29 7.40
C TRP A 60 -16.53 17.30 6.51
N ASP A 61 -17.31 18.39 6.58
CA ASP A 61 -18.48 18.52 5.74
CA ASP A 61 -18.49 18.51 5.74
C ASP A 61 -18.05 18.62 4.27
N GLY A 62 -17.04 19.44 4.01
CA GLY A 62 -16.53 19.66 2.66
C GLY A 62 -15.97 18.38 2.06
N GLU A 63 -15.14 17.67 2.84
CA GLU A 63 -14.55 16.42 2.33
C GLU A 63 -15.62 15.35 2.13
N THR A 64 -16.67 15.30 2.97
CA THR A 64 -17.74 14.32 2.79
C THR A 64 -18.50 14.61 1.49
N ARG A 65 -18.80 15.90 1.23
CA ARG A 65 -19.50 16.25 -0.01
CA ARG A 65 -19.50 16.26 -0.01
C ARG A 65 -18.65 15.85 -1.23
N LYS A 66 -17.35 16.16 -1.20
CA LYS A 66 -16.48 15.82 -2.32
C LYS A 66 -16.35 14.32 -2.52
N VAL A 67 -16.21 13.53 -1.44
CA VAL A 67 -16.03 12.09 -1.62
C VAL A 67 -17.32 11.41 -2.09
N LYS A 68 -18.49 11.88 -1.63
CA LYS A 68 -19.75 11.31 -2.11
C LYS A 68 -19.96 11.66 -3.59
N ALA A 69 -19.54 12.85 -4.02
CA ALA A 69 -19.62 13.25 -5.43
C ALA A 69 -18.70 12.34 -6.25
N HIS A 70 -17.49 12.03 -5.73
CA HIS A 70 -16.58 11.09 -6.43
C HIS A 70 -17.26 9.72 -6.57
N SER A 71 -17.92 9.22 -5.50
CA SER A 71 -18.58 7.92 -5.57
C SER A 71 -19.66 7.91 -6.69
N GLN A 72 -20.42 8.99 -6.84
CA GLN A 72 -21.46 9.06 -7.87
C GLN A 72 -20.84 9.13 -9.27
N THR A 73 -19.71 9.83 -9.42
CA THR A 73 -19.02 9.85 -10.72
C THR A 73 -18.59 8.43 -11.10
N HIS A 74 -18.03 7.68 -10.14
CA HIS A 74 -17.63 6.30 -10.41
C HIS A 74 -18.82 5.42 -10.74
N ARG A 75 -19.98 5.63 -10.06
CA ARG A 75 -21.17 4.86 -10.36
C ARG A 75 -21.61 5.12 -11.82
N VAL A 76 -21.64 6.40 -12.22
CA VAL A 76 -22.01 6.73 -13.61
C VAL A 76 -20.98 6.11 -14.60
N ASP A 77 -19.69 6.23 -14.28
CA ASP A 77 -18.63 5.70 -15.14
C ASP A 77 -18.73 4.22 -15.33
N LEU A 78 -19.05 3.44 -14.27
CA LEU A 78 -19.18 2.00 -14.41
C LEU A 78 -20.27 1.65 -15.46
N GLY A 79 -21.35 2.43 -15.47
CA GLY A 79 -22.42 2.25 -16.46
C GLY A 79 -21.94 2.60 -17.87
N THR A 80 -21.29 3.74 -18.01
CA THR A 80 -20.77 4.20 -19.31
C THR A 80 -19.75 3.22 -19.87
N LEU A 81 -18.86 2.71 -19.03
CA LEU A 81 -17.81 1.77 -19.45
C LEU A 81 -18.36 0.45 -19.86
N ARG A 82 -19.42 -0.03 -19.19
CA ARG A 82 -20.08 -1.27 -19.57
C ARG A 82 -20.61 -1.16 -21.02
N GLY A 83 -21.12 0.02 -21.38
CA GLY A 83 -21.59 0.33 -22.73
C GLY A 83 -20.46 0.45 -23.72
N TYR A 84 -19.39 1.23 -23.39
CA TYR A 84 -18.25 1.37 -24.31
C TYR A 84 -17.64 0.02 -24.69
N TYR A 85 -17.62 -0.93 -23.75
CA TYR A 85 -17.02 -2.26 -23.98
C TYR A 85 -18.03 -3.36 -24.34
N ASN A 86 -19.30 -3.00 -24.56
CA ASN A 86 -20.37 -3.96 -24.91
C ASN A 86 -20.45 -5.13 -23.93
N GLN A 87 -20.35 -4.83 -22.62
CA GLN A 87 -20.37 -5.86 -21.59
C GLN A 87 -21.76 -6.06 -21.05
N SER A 88 -22.00 -7.26 -20.52
CA SER A 88 -23.27 -7.66 -19.92
C SER A 88 -23.55 -6.84 -18.67
N GLU A 89 -24.83 -6.70 -18.33
CA GLU A 89 -25.21 -6.03 -17.10
C GLU A 89 -25.02 -6.95 -15.87
N ALA A 90 -24.70 -8.24 -16.05
CA ALA A 90 -24.59 -9.22 -14.98
C ALA A 90 -23.23 -9.32 -14.25
N GLY A 91 -22.14 -8.89 -14.87
CA GLY A 91 -20.83 -9.03 -14.25
C GLY A 91 -20.43 -7.84 -13.38
N SER A 92 -19.54 -8.08 -12.41
CA SER A 92 -19.02 -7.02 -11.57
C SER A 92 -17.77 -6.44 -12.26
N HIS A 93 -17.64 -5.13 -12.21
CA HIS A 93 -16.47 -4.44 -12.80
C HIS A 93 -15.91 -3.43 -11.82
N THR A 94 -14.69 -2.98 -12.06
CA THR A 94 -14.03 -2.07 -11.15
C THR A 94 -13.47 -0.84 -11.82
N VAL A 95 -13.58 0.29 -11.14
CA VAL A 95 -12.88 1.50 -11.55
CA VAL A 95 -12.94 1.53 -11.54
C VAL A 95 -11.98 1.92 -10.41
N GLN A 96 -10.76 2.36 -10.76
CA GLN A 96 -9.76 2.84 -9.80
C GLN A 96 -9.23 4.16 -10.24
N ARG A 97 -9.03 5.08 -9.28
CA ARG A 97 -8.49 6.41 -9.59
C ARG A 97 -7.47 6.77 -8.52
N MET A 98 -6.36 7.37 -8.93
CA MET A 98 -5.36 7.87 -8.02
C MET A 98 -4.92 9.23 -8.52
N TYR A 99 -4.85 10.19 -7.61
CA TYR A 99 -4.28 11.49 -7.94
C TYR A 99 -3.51 12.07 -6.79
N GLY A 100 -2.67 13.05 -7.11
CA GLY A 100 -1.93 13.71 -6.05
C GLY A 100 -0.78 14.52 -6.54
N CYS A 101 0.00 15.01 -5.58
CA CYS A 101 1.09 15.92 -5.87
C CYS A 101 2.31 15.59 -5.05
N ASP A 102 3.49 15.86 -5.63
CA ASP A 102 4.80 15.69 -5.00
C ASP A 102 5.42 17.08 -4.81
N VAL A 103 6.12 17.27 -3.68
CA VAL A 103 6.90 18.48 -3.40
C VAL A 103 8.31 18.07 -3.04
N GLY A 104 9.26 18.97 -3.29
CA GLY A 104 10.65 18.69 -2.96
C GLY A 104 11.00 19.11 -1.53
N SER A 105 12.31 19.12 -1.19
CA SER A 105 12.77 19.49 0.15
CA SER A 105 12.77 19.50 0.15
C SER A 105 12.38 20.92 0.53
N ASP A 106 12.20 21.80 -0.46
CA ASP A 106 11.78 23.18 -0.25
C ASP A 106 10.24 23.34 -0.14
N TRP A 107 9.49 22.21 -0.17
CA TRP A 107 8.04 22.11 -0.12
C TRP A 107 7.37 22.77 -1.35
N ARG A 108 8.12 22.95 -2.44
CA ARG A 108 7.56 23.53 -3.67
C ARG A 108 7.15 22.40 -4.61
N PHE A 109 6.12 22.65 -5.43
CA PHE A 109 5.58 21.69 -6.40
C PHE A 109 6.66 21.09 -7.27
N LEU A 110 6.67 19.75 -7.36
CA LEU A 110 7.63 19.00 -8.19
C LEU A 110 6.88 18.36 -9.36
N ARG A 111 5.78 17.63 -9.07
CA ARG A 111 5.00 16.94 -10.09
C ARG A 111 3.58 16.61 -9.59
N GLY A 112 2.66 16.47 -10.52
CA GLY A 112 1.28 16.11 -10.25
C GLY A 112 0.90 14.93 -11.11
N TYR A 113 -0.17 14.25 -10.72
CA TYR A 113 -0.62 13.07 -11.46
C TYR A 113 -2.09 12.78 -11.19
N HIS A 114 -2.75 12.18 -12.18
CA HIS A 114 -4.15 11.79 -12.11
C HIS A 114 -4.30 10.62 -13.07
N GLN A 115 -4.51 9.41 -12.53
CA GLN A 115 -4.58 8.16 -13.30
CA GLN A 115 -4.58 8.16 -13.30
C GLN A 115 -5.91 7.45 -13.06
N TYR A 116 -6.45 6.80 -14.10
CA TYR A 116 -7.71 6.09 -13.98
C TYR A 116 -7.60 4.73 -14.69
N ALA A 117 -8.18 3.70 -14.08
CA ALA A 117 -8.14 2.33 -14.57
C ALA A 117 -9.52 1.71 -14.60
N TYR A 118 -9.78 0.83 -15.57
CA TYR A 118 -11.00 0.03 -15.66
C TYR A 118 -10.60 -1.43 -15.67
N ASP A 119 -11.16 -2.21 -14.74
CA ASP A 119 -10.88 -3.63 -14.59
C ASP A 119 -9.37 -3.93 -14.48
N GLY A 120 -8.69 -3.06 -13.73
CA GLY A 120 -7.28 -3.27 -13.40
C GLY A 120 -6.29 -2.92 -14.48
N LYS A 121 -6.73 -2.25 -15.53
CA LYS A 121 -5.83 -1.89 -16.62
C LYS A 121 -5.93 -0.41 -16.83
N ASP A 122 -4.83 0.19 -17.27
CA ASP A 122 -4.82 1.64 -17.59
C ASP A 122 -5.97 2.00 -18.55
N TYR A 123 -6.70 3.07 -18.23
CA TYR A 123 -7.77 3.58 -19.09
C TYR A 123 -7.33 4.96 -19.61
N ILE A 124 -7.25 5.96 -18.72
CA ILE A 124 -6.81 7.30 -19.12
C ILE A 124 -6.01 7.94 -18.01
N ALA A 125 -4.98 8.69 -18.37
CA ALA A 125 -4.13 9.34 -17.38
C ALA A 125 -3.70 10.69 -17.86
N LEU A 126 -3.56 11.66 -16.93
CA LEU A 126 -3.04 12.96 -17.29
C LEU A 126 -1.54 12.81 -17.50
N LYS A 127 -0.97 13.45 -18.54
CA LYS A 127 0.47 13.41 -18.75
C LYS A 127 1.21 14.32 -17.76
N GLU A 128 2.55 14.17 -17.64
CA GLU A 128 3.33 14.99 -16.69
C GLU A 128 3.23 16.49 -16.97
N ASP A 129 2.92 16.88 -18.21
CA ASP A 129 2.75 18.30 -18.53
C ASP A 129 1.49 18.91 -17.90
N LEU A 130 0.56 18.07 -17.38
CA LEU A 130 -0.72 18.47 -16.78
C LEU A 130 -1.62 19.20 -17.81
N ARG A 131 -1.43 18.90 -19.08
CA ARG A 131 -2.20 19.51 -20.17
C ARG A 131 -2.82 18.46 -21.07
N SER A 132 -2.10 17.34 -21.25
CA SER A 132 -2.35 16.28 -22.21
C SER A 132 -2.88 15.02 -21.55
N TRP A 133 -3.49 14.12 -22.35
CA TRP A 133 -4.01 12.85 -21.83
C TRP A 133 -3.44 11.65 -22.57
N THR A 134 -3.21 10.56 -21.84
CA THR A 134 -2.77 9.28 -22.41
C THR A 134 -3.98 8.37 -22.36
N ALA A 135 -4.54 8.03 -23.52
CA ALA A 135 -5.68 7.13 -23.64
C ALA A 135 -5.17 5.76 -24.11
N ALA A 136 -5.47 4.69 -23.35
CA ALA A 136 -4.91 3.38 -23.67
C ALA A 136 -5.54 2.67 -24.84
N ASP A 137 -6.79 2.94 -25.11
CA ASP A 137 -7.58 2.30 -26.16
C ASP A 137 -8.63 3.24 -26.76
N MET A 138 -9.46 2.76 -27.70
CA MET A 138 -10.40 3.64 -28.37
C MET A 138 -11.56 4.09 -27.51
N ALA A 139 -11.92 3.33 -26.47
CA ALA A 139 -12.95 3.81 -25.53
C ALA A 139 -12.35 5.00 -24.77
N ALA A 140 -11.11 4.88 -24.27
CA ALA A 140 -10.46 6.00 -23.57
C ALA A 140 -10.23 7.18 -24.50
N GLN A 141 -10.03 6.93 -25.81
CA GLN A 141 -9.88 8.02 -26.77
C GLN A 141 -11.17 8.85 -26.86
N THR A 142 -12.35 8.20 -26.73
CA THR A 142 -13.63 8.92 -26.71
C THR A 142 -13.68 9.80 -25.45
N THR A 143 -13.25 9.26 -24.31
CA THR A 143 -13.22 10.05 -23.06
C THR A 143 -12.24 11.21 -23.19
N LYS A 144 -11.09 10.98 -23.82
CA LYS A 144 -10.09 12.02 -24.03
C LYS A 144 -10.64 13.20 -24.81
N HIS A 145 -11.33 12.93 -25.93
CA HIS A 145 -11.91 14.03 -26.71
C HIS A 145 -12.97 14.78 -25.89
N LYS A 146 -13.74 14.06 -25.07
CA LYS A 146 -14.75 14.69 -24.22
C LYS A 146 -14.09 15.63 -23.21
N TRP A 147 -13.01 15.19 -22.57
CA TRP A 147 -12.34 15.96 -21.54
C TRP A 147 -11.54 17.13 -22.10
N GLU A 148 -11.06 17.01 -23.35
CA GLU A 148 -10.40 18.16 -23.99
C GLU A 148 -11.47 19.27 -24.19
N ALA A 149 -12.66 18.88 -24.66
CA ALA A 149 -13.73 19.86 -24.89
C ALA A 149 -14.24 20.52 -23.62
N ALA A 150 -14.11 19.86 -22.46
CA ALA A 150 -14.62 20.39 -21.20
C ALA A 150 -13.56 21.04 -20.30
N HIS A 151 -12.36 21.32 -20.81
CA HIS A 151 -11.31 22.03 -20.06
C HIS A 151 -10.90 21.31 -18.78
N VAL A 152 -11.01 19.98 -18.78
CA VAL A 152 -10.75 19.18 -17.58
C VAL A 152 -9.32 19.30 -17.08
N ALA A 153 -8.35 19.13 -17.99
CA ALA A 153 -6.95 19.19 -17.58
C ALA A 153 -6.59 20.54 -16.94
N GLU A 154 -7.22 21.65 -17.42
CA GLU A 154 -6.94 22.96 -16.85
C GLU A 154 -7.34 23.00 -15.39
N GLN A 155 -8.53 22.46 -15.08
CA GLN A 155 -9.02 22.43 -13.71
C GLN A 155 -8.16 21.52 -12.84
N LEU A 156 -7.74 20.36 -13.40
CA LEU A 156 -6.89 19.44 -12.65
C LEU A 156 -5.55 20.04 -12.37
N ARG A 157 -4.93 20.69 -13.38
CA ARG A 157 -3.63 21.32 -13.21
C ARG A 157 -3.70 22.39 -12.12
N ALA A 158 -4.78 23.18 -12.08
CA ALA A 158 -4.91 24.23 -11.06
C ALA A 158 -4.94 23.61 -9.67
N TYR A 159 -5.66 22.50 -9.51
CA TYR A 159 -5.69 21.81 -8.21
C TYR A 159 -4.32 21.22 -7.87
N LEU A 160 -3.72 20.47 -8.79
CA LEU A 160 -2.47 19.76 -8.50
C LEU A 160 -1.32 20.67 -8.14
N GLU A 161 -1.18 21.80 -8.85
CA GLU A 161 -0.09 22.76 -8.59
C GLU A 161 -0.41 23.75 -7.47
N GLY A 162 -1.68 23.92 -7.13
CA GLY A 162 -2.07 24.90 -6.13
C GLY A 162 -2.63 24.31 -4.87
N THR A 163 -3.93 24.06 -4.86
CA THR A 163 -4.69 23.53 -3.74
C THR A 163 -4.02 22.29 -3.11
N CYS A 164 -3.62 21.33 -3.94
CA CYS A 164 -3.02 20.08 -3.49
C CYS A 164 -1.76 20.38 -2.65
N VAL A 165 -0.87 21.22 -3.18
CA VAL A 165 0.37 21.59 -2.51
C VAL A 165 0.09 22.40 -1.25
N GLU A 166 -0.93 23.27 -1.27
CA GLU A 166 -1.30 24.06 -0.09
C GLU A 166 -1.78 23.14 1.05
N TRP A 167 -2.64 22.16 0.75
CA TRP A 167 -3.11 21.21 1.76
C TRP A 167 -1.91 20.40 2.29
N LEU A 168 -1.04 19.90 1.40
CA LEU A 168 0.11 19.11 1.81
C LEU A 168 1.00 19.88 2.81
N ARG A 169 1.30 21.14 2.53
CA ARG A 169 2.15 21.95 3.42
C ARG A 169 1.46 22.15 4.77
N ARG A 170 0.14 22.35 4.77
CA ARG A 170 -0.62 22.48 6.00
C ARG A 170 -0.52 21.21 6.86
N TYR A 171 -0.73 20.04 6.22
CA TYR A 171 -0.67 18.79 6.94
C TYR A 171 0.72 18.50 7.46
N LEU A 172 1.76 18.78 6.66
CA LEU A 172 3.16 18.56 7.09
C LEU A 172 3.48 19.38 8.33
N GLU A 173 2.91 20.58 8.44
CA GLU A 173 3.14 21.41 9.63
C GLU A 173 2.33 20.89 10.82
N ASN A 174 1.02 20.66 10.64
CA ASN A 174 0.17 20.20 11.73
C ASN A 174 0.55 18.83 12.28
N GLY A 175 1.06 17.98 11.41
CA GLY A 175 1.51 16.64 11.80
C GLY A 175 3.00 16.50 11.86
N LYS A 176 3.73 17.60 12.06
CA LYS A 176 5.20 17.58 12.06
C LYS A 176 5.85 16.53 12.96
N GLU A 177 5.27 16.27 14.15
CA GLU A 177 5.84 15.31 15.13
C GLU A 177 6.08 13.95 14.52
N THR A 178 5.18 13.50 13.63
CA THR A 178 5.37 12.23 12.95
C THR A 178 5.69 12.37 11.47
N LEU A 179 4.95 13.23 10.73
CA LEU A 179 5.18 13.36 9.29
C LEU A 179 6.58 13.80 8.89
N GLN A 180 7.21 14.67 9.72
CA GLN A 180 8.56 15.14 9.42
C GLN A 180 9.66 14.36 10.17
N ARG A 181 9.29 13.28 10.87
CA ARG A 181 10.25 12.44 11.57
C ARG A 181 10.57 11.25 10.67
N THR A 182 11.87 10.94 10.48
CA THR A 182 12.25 9.73 9.76
C THR A 182 12.62 8.68 10.81
N ASP A 183 12.17 7.43 10.63
CA ASP A 183 12.50 6.36 11.57
C ASP A 183 13.44 5.41 10.85
N ALA A 184 14.71 5.47 11.21
CA ALA A 184 15.73 4.63 10.57
C ALA A 184 15.47 3.17 10.89
N PRO A 185 15.79 2.28 9.94
CA PRO A 185 15.59 0.84 10.21
C PRO A 185 16.39 0.34 11.40
N LYS A 186 15.74 -0.45 12.24
CA LYS A 186 16.39 -1.14 13.35
C LYS A 186 16.81 -2.46 12.74
N THR A 187 18.12 -2.70 12.66
CA THR A 187 18.63 -3.88 11.94
C THR A 187 19.29 -4.92 12.83
N HIS A 188 19.17 -6.17 12.40
CA HIS A 188 19.85 -7.27 13.05
C HIS A 188 19.95 -8.43 12.07
N MET A 189 20.83 -9.38 12.37
CA MET A 189 20.97 -10.54 11.51
CA MET A 189 21.03 -10.56 11.54
C MET A 189 20.65 -11.81 12.29
N THR A 190 19.94 -12.75 11.65
CA THR A 190 19.65 -14.07 12.24
C THR A 190 20.31 -15.14 11.35
N HIS A 191 20.51 -16.30 11.94
CA HIS A 191 21.20 -17.44 11.34
C HIS A 191 20.36 -18.68 11.49
N HIS A 192 20.15 -19.38 10.38
CA HIS A 192 19.27 -20.56 10.37
C HIS A 192 19.97 -21.68 9.62
N ALA A 193 20.54 -22.64 10.36
CA ALA A 193 21.23 -23.76 9.70
C ALA A 193 20.27 -24.56 8.81
N VAL A 194 20.69 -24.89 7.57
CA VAL A 194 19.85 -25.68 6.67
C VAL A 194 20.38 -27.12 6.51
N SER A 195 21.56 -27.41 7.09
CA SER A 195 22.31 -28.67 7.12
C SER A 195 23.51 -28.49 8.07
N ASP A 196 24.37 -29.53 8.20
CA ASP A 196 25.56 -29.41 9.01
C ASP A 196 26.67 -28.61 8.31
N HIS A 197 26.45 -28.14 7.05
CA HIS A 197 27.51 -27.40 6.37
C HIS A 197 27.03 -26.18 5.56
N GLU A 198 25.75 -25.79 5.70
CA GLU A 198 25.20 -24.59 5.05
CA GLU A 198 25.28 -24.53 5.11
C GLU A 198 24.19 -23.93 5.96
N ALA A 199 24.04 -22.61 5.83
CA ALA A 199 23.08 -21.88 6.65
C ALA A 199 22.52 -20.67 5.90
N THR A 200 21.33 -20.24 6.31
CA THR A 200 20.77 -19.01 5.80
C THR A 200 21.10 -17.90 6.77
N LEU A 201 21.60 -16.80 6.24
CA LEU A 201 21.78 -15.56 7.01
C LEU A 201 20.62 -14.65 6.57
N ARG A 202 19.86 -14.12 7.53
CA ARG A 202 18.74 -13.24 7.22
C ARG A 202 18.97 -11.88 7.86
N CYS A 203 18.98 -10.86 7.03
CA CYS A 203 19.22 -9.50 7.44
C CYS A 203 17.88 -8.81 7.54
N TRP A 204 17.57 -8.30 8.72
CA TRP A 204 16.29 -7.69 9.03
C TRP A 204 16.37 -6.19 9.14
N ALA A 205 15.33 -5.51 8.61
CA ALA A 205 15.16 -4.07 8.78
C ALA A 205 13.75 -3.89 9.34
N LEU A 206 13.64 -3.38 10.55
CA LEU A 206 12.35 -3.26 11.21
C LEU A 206 12.04 -1.83 11.64
N SER A 207 10.73 -1.58 11.83
CA SER A 207 10.21 -0.34 12.40
CA SER A 207 10.26 -0.34 12.44
C SER A 207 10.70 0.92 11.71
N PHE A 208 10.77 0.88 10.36
CA PHE A 208 11.25 2.06 9.64
C PHE A 208 10.14 2.87 8.97
N TYR A 209 10.46 4.13 8.68
CA TYR A 209 9.50 5.03 8.03
C TYR A 209 10.30 6.15 7.38
N PRO A 210 10.08 6.51 6.11
CA PRO A 210 9.07 5.96 5.18
C PRO A 210 9.42 4.55 4.70
N ALA A 211 8.56 3.98 3.87
CA ALA A 211 8.67 2.60 3.41
C ALA A 211 9.85 2.33 2.47
N GLU A 212 10.28 3.34 1.69
CA GLU A 212 11.37 3.17 0.74
C GLU A 212 12.66 2.71 1.44
N ILE A 213 13.25 1.60 0.98
CA ILE A 213 14.48 1.08 1.56
C ILE A 213 15.15 0.18 0.54
N THR A 214 16.48 -0.01 0.69
CA THR A 214 17.23 -0.93 -0.16
CA THR A 214 17.13 -1.02 -0.14
C THR A 214 18.06 -1.86 0.73
N LEU A 215 17.93 -3.19 0.58
CA LEU A 215 18.75 -4.17 1.30
C LEU A 215 19.48 -4.95 0.24
N THR A 216 20.80 -5.02 0.35
CA THR A 216 21.60 -5.76 -0.64
C THR A 216 22.64 -6.62 0.08
N TRP A 217 22.98 -7.77 -0.48
CA TRP A 217 24.03 -8.61 0.07
C TRP A 217 25.28 -8.48 -0.79
N GLN A 218 26.43 -8.51 -0.14
CA GLN A 218 27.73 -8.55 -0.83
C GLN A 218 28.50 -9.75 -0.30
N ARG A 219 29.38 -10.32 -1.14
CA ARG A 219 30.28 -11.38 -0.73
C ARG A 219 31.66 -10.89 -1.13
N ASP A 220 32.55 -10.76 -0.14
CA ASP A 220 33.91 -10.25 -0.34
C ASP A 220 33.91 -8.89 -1.06
N GLY A 221 32.94 -8.03 -0.70
CA GLY A 221 32.85 -6.68 -1.25
C GLY A 221 32.23 -6.50 -2.62
N GLU A 222 31.61 -7.55 -3.17
CA GLU A 222 30.93 -7.45 -4.45
C GLU A 222 29.48 -7.94 -4.35
N ASP A 223 28.54 -7.32 -5.07
CA ASP A 223 27.14 -7.70 -5.03
C ASP A 223 26.92 -9.22 -5.26
N GLN A 224 25.99 -9.77 -4.48
CA GLN A 224 25.61 -11.18 -4.49
C GLN A 224 24.09 -11.24 -4.66
N THR A 225 23.60 -11.85 -5.75
CA THR A 225 22.18 -12.08 -5.96
C THR A 225 21.87 -13.60 -6.04
N GLN A 226 22.87 -14.45 -6.39
CA GLN A 226 22.66 -15.92 -6.39
C GLN A 226 22.39 -16.41 -4.95
N ASP A 227 21.45 -17.33 -4.80
CA ASP A 227 21.09 -17.90 -3.49
C ASP A 227 20.59 -16.86 -2.50
N THR A 228 19.94 -15.81 -3.00
CA THR A 228 19.36 -14.78 -2.14
C THR A 228 17.84 -14.75 -2.30
N GLU A 229 17.17 -14.21 -1.29
CA GLU A 229 15.72 -14.02 -1.30
C GLU A 229 15.44 -12.65 -0.66
N LEU A 230 14.60 -11.84 -1.27
CA LEU A 230 14.27 -10.49 -0.76
C LEU A 230 12.75 -10.41 -0.71
N VAL A 231 12.13 -10.25 0.49
CA VAL A 231 10.67 -10.16 0.56
C VAL A 231 10.22 -8.74 0.29
N GLU A 232 8.96 -8.59 -0.18
CA GLU A 232 8.41 -7.27 -0.41
C GLU A 232 8.28 -6.54 0.93
N THR A 233 8.52 -5.22 0.90
CA THR A 233 8.36 -4.39 2.10
C THR A 233 6.91 -4.49 2.59
N ARG A 234 6.73 -4.66 3.89
CA ARG A 234 5.42 -4.95 4.45
C ARG A 234 5.12 -4.08 5.65
N PRO A 235 3.85 -3.75 5.89
CA PRO A 235 3.51 -2.90 7.04
C PRO A 235 3.62 -3.67 8.37
N ALA A 236 4.17 -3.03 9.38
CA ALA A 236 4.19 -3.62 10.73
C ALA A 236 2.81 -3.57 11.38
N GLY A 237 2.00 -2.57 11.02
CA GLY A 237 0.66 -2.38 11.58
C GLY A 237 0.57 -1.23 12.56
N ASP A 238 1.72 -0.65 12.92
CA ASP A 238 1.80 0.50 13.80
C ASP A 238 2.26 1.77 13.04
N GLY A 239 2.18 1.75 11.71
CA GLY A 239 2.60 2.87 10.89
C GLY A 239 4.00 2.75 10.30
N THR A 240 4.79 1.77 10.81
CA THR A 240 6.15 1.55 10.30
C THR A 240 6.16 0.33 9.38
N PHE A 241 7.32 0.08 8.75
CA PHE A 241 7.45 -0.99 7.78
C PHE A 241 8.58 -1.94 8.15
N GLN A 242 8.59 -3.09 7.48
CA GLN A 242 9.59 -4.14 7.69
C GLN A 242 10.04 -4.71 6.38
N LYS A 243 11.22 -5.29 6.35
CA LYS A 243 11.74 -6.00 5.18
C LYS A 243 12.87 -6.90 5.64
N TRP A 244 13.11 -7.97 4.90
CA TRP A 244 14.32 -8.77 5.12
C TRP A 244 14.89 -9.26 3.81
N VAL A 245 16.17 -9.62 3.84
CA VAL A 245 16.91 -10.18 2.73
C VAL A 245 17.72 -11.33 3.28
N ALA A 246 17.80 -12.45 2.56
CA ALA A 246 18.52 -13.63 3.06
C ALA A 246 19.44 -14.21 2.01
N VAL A 247 20.50 -14.89 2.45
CA VAL A 247 21.44 -15.55 1.56
C VAL A 247 21.83 -16.90 2.18
N VAL A 248 22.00 -17.93 1.34
CA VAL A 248 22.45 -19.24 1.80
C VAL A 248 23.96 -19.29 1.59
N VAL A 249 24.70 -19.65 2.64
CA VAL A 249 26.17 -19.64 2.63
C VAL A 249 26.74 -20.94 3.16
N PRO A 250 27.98 -21.28 2.75
CA PRO A 250 28.64 -22.46 3.36
C PRO A 250 28.98 -22.10 4.82
N SER A 251 28.64 -23.01 5.77
CA SER A 251 28.94 -22.77 7.18
C SER A 251 30.44 -22.61 7.40
N GLY A 252 30.82 -21.65 8.22
CA GLY A 252 32.21 -21.28 8.43
C GLY A 252 32.65 -20.10 7.60
N GLN A 253 31.89 -19.78 6.52
CA GLN A 253 32.26 -18.67 5.63
C GLN A 253 31.39 -17.43 5.81
N GLU A 254 30.67 -17.33 6.94
CA GLU A 254 29.75 -16.21 7.16
C GLU A 254 30.38 -14.85 7.11
N GLN A 255 31.66 -14.71 7.51
CA GLN A 255 32.29 -13.38 7.55
C GLN A 255 32.54 -12.75 6.20
N ARG A 256 32.47 -13.54 5.11
CA ARG A 256 32.60 -12.99 3.77
C ARG A 256 31.37 -12.15 3.37
N TYR A 257 30.23 -12.37 4.02
CA TYR A 257 28.96 -11.82 3.62
C TYR A 257 28.55 -10.61 4.46
N THR A 258 28.18 -9.55 3.76
CA THR A 258 27.72 -8.33 4.41
C THR A 258 26.40 -7.89 3.84
N CYS A 259 25.53 -7.40 4.74
CA CYS A 259 24.25 -6.86 4.33
C CYS A 259 24.33 -5.33 4.41
N HIS A 260 23.81 -4.67 3.37
CA HIS A 260 23.91 -3.22 3.23
C HIS A 260 22.53 -2.63 3.23
N VAL A 261 22.31 -1.63 4.08
CA VAL A 261 20.99 -1.05 4.26
C VAL A 261 21.02 0.43 3.93
N GLN A 262 20.17 0.85 2.99
CA GLN A 262 20.06 2.25 2.61
C GLN A 262 18.64 2.71 2.93
N HIS A 263 18.53 3.87 3.56
CA HIS A 263 17.24 4.45 3.95
C HIS A 263 17.42 5.96 4.17
N GLU A 264 16.37 6.75 3.94
CA GLU A 264 16.39 8.21 4.12
C GLU A 264 16.81 8.61 5.54
N GLY A 265 16.48 7.80 6.54
CA GLY A 265 16.82 8.04 7.93
C GLY A 265 18.24 7.70 8.35
N LEU A 266 19.07 7.20 7.42
CA LEU A 266 20.46 6.83 7.70
C LEU A 266 21.39 7.76 6.92
N PRO A 267 22.14 8.64 7.62
CA PRO A 267 23.07 9.55 6.94
C PRO A 267 24.05 8.82 6.02
N LYS A 268 24.54 7.65 6.47
CA LYS A 268 25.40 6.79 5.68
C LYS A 268 24.81 5.37 5.74
N PRO A 269 24.87 4.59 4.64
CA PRO A 269 24.31 3.24 4.68
C PRO A 269 24.92 2.38 5.79
N LEU A 270 24.14 1.43 6.32
CA LEU A 270 24.63 0.52 7.36
C LEU A 270 25.19 -0.75 6.73
N THR A 271 26.18 -1.37 7.37
CA THR A 271 26.75 -2.65 6.93
C THR A 271 26.65 -3.60 8.13
N LEU A 272 26.09 -4.80 7.92
CA LEU A 272 25.94 -5.78 8.99
C LEU A 272 26.64 -7.08 8.59
N ARG A 273 27.16 -7.76 9.58
CA ARG A 273 27.80 -9.06 9.42
C ARG A 273 27.27 -9.97 10.52
N TRP A 274 27.34 -11.30 10.31
CA TRP A 274 26.89 -12.25 11.32
CA TRP A 274 26.88 -12.24 11.32
CA TRP A 274 26.88 -12.22 11.33
C TRP A 274 27.88 -12.28 12.46
N GLU A 275 27.40 -12.11 13.69
CA GLU A 275 28.19 -12.13 14.92
C GLU A 275 28.32 -13.63 15.21
N PRO A 276 29.48 -14.24 14.96
CA PRO A 276 29.59 -15.70 15.05
C PRO A 276 29.42 -16.36 16.42
N SER A 277 29.60 -15.61 17.52
CA SER A 277 29.42 -16.21 18.85
C SER A 277 27.94 -16.49 19.18
N SER A 278 27.00 -15.81 18.48
CA SER A 278 25.57 -16.00 18.67
C SER A 278 25.02 -17.24 17.93
N GLN B 2 -7.12 -11.18 -14.15
CA GLN B 2 -7.09 -11.66 -12.77
C GLN B 2 -5.65 -11.90 -12.32
N ARG B 3 -5.32 -11.49 -11.10
CA ARG B 3 -3.97 -11.63 -10.55
C ARG B 3 -4.10 -12.27 -9.20
N THR B 4 -3.28 -13.30 -8.93
CA THR B 4 -3.38 -14.03 -7.69
CA THR B 4 -3.32 -14.06 -7.71
C THR B 4 -2.68 -13.31 -6.55
N PRO B 5 -3.24 -13.41 -5.34
CA PRO B 5 -2.60 -12.73 -4.21
C PRO B 5 -1.28 -13.35 -3.76
N LYS B 6 -0.35 -12.48 -3.42
CA LYS B 6 0.89 -12.82 -2.74
C LYS B 6 0.54 -12.71 -1.24
N ILE B 7 1.13 -13.56 -0.41
CA ILE B 7 0.81 -13.58 1.01
C ILE B 7 2.07 -13.61 1.86
N GLN B 8 2.11 -12.76 2.89
CA GLN B 8 3.14 -12.86 3.92
C GLN B 8 2.41 -12.92 5.25
N VAL B 9 2.80 -13.86 6.12
CA VAL B 9 2.23 -13.96 7.46
CA VAL B 9 2.23 -14.03 7.47
C VAL B 9 3.39 -13.77 8.44
N TYR B 10 3.22 -12.84 9.40
CA TYR B 10 4.35 -12.47 10.25
C TYR B 10 3.86 -11.74 11.47
N SER B 11 4.75 -11.57 12.45
CA SER B 11 4.42 -10.84 13.66
C SER B 11 4.90 -9.39 13.58
N ARG B 12 4.21 -8.49 14.30
CA ARG B 12 4.60 -7.10 14.33
C ARG B 12 5.96 -6.92 15.00
N HIS B 13 6.19 -7.66 16.12
CA HIS B 13 7.46 -7.59 16.87
C HIS B 13 8.16 -8.93 16.85
N PRO B 14 9.50 -9.01 17.07
CA PRO B 14 10.17 -10.33 17.09
C PRO B 14 9.51 -11.24 18.13
N ALA B 15 9.15 -12.44 17.72
CA ALA B 15 8.39 -13.33 18.59
C ALA B 15 9.17 -13.86 19.77
N GLU B 16 8.50 -13.93 20.91
CA GLU B 16 9.00 -14.50 22.16
C GLU B 16 7.86 -15.27 22.74
N ASN B 17 8.05 -16.57 23.03
CA ASN B 17 6.95 -17.36 23.59
C ASN B 17 6.45 -16.82 24.91
N GLY B 18 5.14 -16.66 25.01
CA GLY B 18 4.52 -16.14 26.21
C GLY B 18 4.39 -14.64 26.28
N LYS B 19 4.91 -13.92 25.27
CA LYS B 19 4.85 -12.46 25.27
C LYS B 19 3.89 -11.95 24.18
N SER B 20 2.91 -11.13 24.56
CA SER B 20 1.90 -10.69 23.61
C SER B 20 2.47 -9.87 22.47
N ASN B 21 1.79 -9.98 21.34
CA ASN B 21 2.28 -9.47 20.07
C ASN B 21 1.06 -9.30 19.14
N PHE B 22 1.31 -9.15 17.83
CA PHE B 22 0.26 -8.97 16.83
C PHE B 22 0.60 -9.83 15.64
N LEU B 23 -0.38 -10.58 15.14
CA LEU B 23 -0.22 -11.47 14.00
C LEU B 23 -0.82 -10.77 12.77
N ASN B 24 0.00 -10.67 11.72
CA ASN B 24 -0.34 -9.99 10.48
C ASN B 24 -0.40 -10.95 9.31
N CYS B 25 -1.33 -10.71 8.40
CA CYS B 25 -1.35 -11.38 7.12
C CYS B 25 -1.50 -10.28 6.07
N TYR B 26 -0.45 -10.07 5.31
CA TYR B 26 -0.42 -9.03 4.30
C TYR B 26 -0.67 -9.68 2.96
N VAL B 27 -1.76 -9.30 2.30
CA VAL B 27 -2.11 -9.85 0.98
CA VAL B 27 -2.10 -9.85 1.00
C VAL B 27 -1.96 -8.75 -0.05
N SER B 28 -1.28 -9.03 -1.15
CA SER B 28 -0.99 -8.01 -2.14
C SER B 28 -0.91 -8.56 -3.56
N GLY B 29 -0.89 -7.67 -4.54
CA GLY B 29 -0.73 -8.08 -5.92
C GLY B 29 -1.93 -8.74 -6.57
N PHE B 30 -3.12 -8.63 -5.98
CA PHE B 30 -4.31 -9.29 -6.51
C PHE B 30 -5.32 -8.37 -7.21
N HIS B 31 -6.11 -8.98 -8.10
CA HIS B 31 -7.17 -8.29 -8.81
C HIS B 31 -8.14 -9.37 -9.27
N PRO B 32 -9.47 -9.23 -9.08
CA PRO B 32 -10.18 -8.09 -8.50
C PRO B 32 -10.05 -8.01 -6.97
N SER B 33 -10.64 -6.99 -6.34
CA SER B 33 -10.46 -6.72 -4.92
C SER B 33 -11.17 -7.66 -3.96
N ASP B 34 -12.27 -8.32 -4.37
CA ASP B 34 -12.98 -9.23 -3.45
C ASP B 34 -12.03 -10.39 -3.05
N ILE B 35 -11.87 -10.58 -1.73
CA ILE B 35 -10.94 -11.59 -1.23
C ILE B 35 -11.41 -12.05 0.14
N GLU B 36 -11.10 -13.28 0.50
CA GLU B 36 -11.46 -13.82 1.80
C GLU B 36 -10.18 -14.16 2.55
N VAL B 37 -9.96 -13.53 3.69
CA VAL B 37 -8.76 -13.77 4.48
C VAL B 37 -9.15 -14.08 5.92
N ASP B 38 -8.62 -15.20 6.44
CA ASP B 38 -8.79 -15.57 7.83
C ASP B 38 -7.43 -15.80 8.49
N LEU B 39 -7.33 -15.48 9.78
CA LEU B 39 -6.16 -15.83 10.56
C LEU B 39 -6.59 -17.08 11.35
N LEU B 40 -5.75 -18.11 11.36
CA LEU B 40 -6.06 -19.38 12.03
C LEU B 40 -5.18 -19.65 13.22
N LYS B 41 -5.76 -20.28 14.26
CA LYS B 41 -5.01 -20.76 15.40
C LYS B 41 -5.35 -22.23 15.51
N ASN B 42 -4.36 -23.11 15.31
CA ASN B 42 -4.53 -24.57 15.32
C ASN B 42 -5.61 -25.02 14.31
N GLY B 43 -5.63 -24.36 13.15
CA GLY B 43 -6.56 -24.65 12.08
C GLY B 43 -7.93 -24.04 12.21
N GLU B 44 -8.20 -23.33 13.31
CA GLU B 44 -9.51 -22.72 13.55
C GLU B 44 -9.49 -21.21 13.36
N ARG B 45 -10.56 -20.68 12.75
CA ARG B 45 -10.68 -19.24 12.50
C ARG B 45 -10.65 -18.39 13.76
N ILE B 46 -9.81 -17.35 13.77
CA ILE B 46 -9.74 -16.42 14.87
C ILE B 46 -10.85 -15.39 14.65
N GLU B 47 -11.66 -15.14 15.67
CA GLU B 47 -12.83 -14.28 15.56
C GLU B 47 -12.58 -12.77 15.49
N LYS B 48 -11.78 -12.22 16.39
CA LYS B 48 -11.55 -10.78 16.39
C LYS B 48 -10.41 -10.46 15.45
N VAL B 49 -10.70 -10.28 14.14
CA VAL B 49 -9.65 -9.93 13.17
C VAL B 49 -10.07 -8.69 12.42
N GLU B 50 -9.17 -7.70 12.36
CA GLU B 50 -9.44 -6.46 11.66
C GLU B 50 -8.59 -6.34 10.39
N HIS B 51 -8.96 -5.40 9.51
CA HIS B 51 -8.18 -5.20 8.30
C HIS B 51 -8.12 -3.74 7.91
N SER B 52 -7.07 -3.40 7.14
CA SER B 52 -6.84 -2.07 6.65
C SER B 52 -7.87 -1.69 5.57
N ASP B 53 -7.90 -0.41 5.23
CA ASP B 53 -8.77 0.08 4.16
C ASP B 53 -8.08 -0.23 2.84
N LEU B 54 -8.87 -0.78 1.90
CA LEU B 54 -8.40 -1.16 0.57
C LEU B 54 -7.63 -0.07 -0.14
N SER B 55 -6.43 -0.42 -0.62
CA SER B 55 -5.62 0.51 -1.41
C SER B 55 -4.94 -0.32 -2.50
N PHE B 56 -4.17 0.35 -3.38
CA PHE B 56 -3.58 -0.36 -4.51
C PHE B 56 -2.24 0.23 -4.91
N SER B 57 -1.51 -0.55 -5.69
CA SER B 57 -0.16 -0.25 -6.15
CA SER B 57 -0.16 -0.20 -6.13
C SER B 57 -0.14 0.36 -7.56
N LYS B 58 1.07 0.74 -8.10
CA LYS B 58 1.16 1.33 -9.44
C LYS B 58 0.60 0.48 -10.56
N ASP B 59 0.71 -0.85 -10.45
CA ASP B 59 0.14 -1.74 -11.46
C ASP B 59 -1.38 -1.98 -11.29
N TRP B 60 -2.02 -1.24 -10.35
CA TRP B 60 -3.45 -1.30 -10.02
C TRP B 60 -3.83 -2.50 -9.14
N SER B 61 -2.86 -3.35 -8.78
CA SER B 61 -3.18 -4.48 -7.92
CA SER B 61 -3.13 -4.48 -7.90
C SER B 61 -3.42 -4.01 -6.49
N PHE B 62 -4.32 -4.70 -5.83
CA PHE B 62 -4.73 -4.33 -4.48
C PHE B 62 -3.86 -4.89 -3.38
N TYR B 63 -3.93 -4.25 -2.20
CA TYR B 63 -3.29 -4.79 -1.02
C TYR B 63 -4.10 -4.48 0.23
N LEU B 64 -4.05 -5.41 1.21
CA LEU B 64 -4.72 -5.33 2.49
C LEU B 64 -3.87 -5.96 3.56
N LEU B 65 -3.99 -5.46 4.78
CA LEU B 65 -3.37 -6.04 5.95
C LEU B 65 -4.48 -6.52 6.89
N TYR B 66 -4.46 -7.80 7.26
CA TYR B 66 -5.38 -8.39 8.25
C TYR B 66 -4.56 -8.62 9.52
N TYR B 67 -5.12 -8.30 10.69
CA TYR B 67 -4.33 -8.39 11.91
C TYR B 67 -5.17 -8.62 13.15
N THR B 68 -4.51 -9.21 14.17
CA THR B 68 -5.13 -9.46 15.47
C THR B 68 -4.04 -9.60 16.53
N GLU B 69 -4.39 -9.42 17.81
CA GLU B 69 -3.44 -9.67 18.88
C GLU B 69 -3.26 -11.17 19.02
N PHE B 70 -2.05 -11.59 19.36
CA PHE B 70 -1.76 -13.00 19.62
C PHE B 70 -0.60 -13.15 20.57
N THR B 71 -0.53 -14.31 21.23
CA THR B 71 0.61 -14.59 22.10
C THR B 71 1.25 -15.85 21.57
N PRO B 72 2.43 -15.75 20.93
CA PRO B 72 3.08 -16.98 20.42
C PRO B 72 3.42 -17.93 21.56
N THR B 73 3.35 -19.21 21.28
CA THR B 73 3.72 -20.24 22.26
C THR B 73 4.49 -21.37 21.54
N GLU B 74 5.04 -22.33 22.30
CA GLU B 74 5.71 -23.48 21.72
C GLU B 74 4.73 -24.41 21.03
N LYS B 75 3.46 -24.50 21.53
CA LYS B 75 2.56 -25.51 20.96
C LYS B 75 1.51 -25.01 19.98
N ASP B 76 1.22 -23.72 19.93
CA ASP B 76 0.17 -23.22 19.02
C ASP B 76 0.70 -22.95 17.64
N GLU B 77 -0.08 -23.34 16.64
CA GLU B 77 0.28 -23.15 15.24
C GLU B 77 -0.59 -22.03 14.69
N TYR B 78 0.01 -20.99 14.11
CA TYR B 78 -0.77 -19.89 13.52
C TYR B 78 -0.59 -19.90 12.01
N ALA B 79 -1.62 -19.39 11.29
CA ALA B 79 -1.58 -19.43 9.84
C ALA B 79 -2.54 -18.38 9.26
N CYS B 80 -2.40 -18.10 7.97
CA CYS B 80 -3.30 -17.23 7.24
C CYS B 80 -3.93 -18.06 6.13
N ARG B 81 -5.25 -17.98 5.96
CA ARG B 81 -5.98 -18.73 4.94
C ARG B 81 -6.64 -17.74 3.98
N VAL B 82 -6.30 -17.84 2.70
CA VAL B 82 -6.80 -16.90 1.69
C VAL B 82 -7.57 -17.59 0.57
N ASN B 83 -8.73 -17.02 0.21
CA ASN B 83 -9.44 -17.48 -0.97
C ASN B 83 -9.69 -16.27 -1.87
N HIS B 84 -9.63 -16.50 -3.16
CA HIS B 84 -9.78 -15.45 -4.17
C HIS B 84 -10.26 -16.14 -5.47
N VAL B 85 -10.87 -15.39 -6.41
CA VAL B 85 -11.37 -15.99 -7.65
C VAL B 85 -10.27 -16.74 -8.42
N THR B 86 -9.02 -16.29 -8.29
CA THR B 86 -7.89 -16.94 -8.96
C THR B 86 -7.44 -18.26 -8.31
N LEU B 87 -7.95 -18.58 -7.12
CA LEU B 87 -7.56 -19.79 -6.42
C LEU B 87 -8.67 -20.85 -6.50
N SER B 88 -8.30 -22.11 -6.77
CA SER B 88 -9.26 -23.21 -6.85
C SER B 88 -9.72 -23.65 -5.45
N GLN B 89 -8.78 -23.60 -4.50
CA GLN B 89 -8.95 -24.00 -3.12
C GLN B 89 -8.30 -22.91 -2.24
N PRO B 90 -8.74 -22.70 -0.99
CA PRO B 90 -8.08 -21.70 -0.13
C PRO B 90 -6.61 -22.05 0.11
N LYS B 91 -5.74 -21.04 0.06
CA LYS B 91 -4.30 -21.20 0.26
C LYS B 91 -3.98 -20.93 1.74
N ILE B 92 -3.32 -21.88 2.40
CA ILE B 92 -2.94 -21.72 3.79
C ILE B 92 -1.44 -21.50 3.89
N VAL B 93 -1.03 -20.40 4.53
CA VAL B 93 0.39 -20.11 4.71
C VAL B 93 0.64 -20.08 6.21
N LYS B 94 1.50 -21.00 6.70
CA LYS B 94 1.78 -21.08 8.13
C LYS B 94 2.71 -19.96 8.59
N TRP B 95 2.48 -19.44 9.78
CA TRP B 95 3.37 -18.44 10.37
C TRP B 95 4.64 -19.15 10.86
N ASP B 96 5.79 -18.63 10.46
CA ASP B 96 7.09 -19.06 10.90
C ASP B 96 7.77 -17.82 11.49
N ARG B 97 8.09 -17.83 12.79
CA ARG B 97 8.68 -16.67 13.47
C ARG B 97 10.00 -16.18 12.90
N ASP B 98 10.64 -17.00 12.06
CA ASP B 98 11.91 -16.60 11.44
C ASP B 98 11.71 -15.82 10.13
N MET B 99 10.46 -15.61 9.69
CA MET B 99 10.20 -14.95 8.41
C MET B 99 9.17 -13.82 8.53
N GLY C 1 -6.65 17.69 1.31
CA GLY C 1 -8.00 17.98 0.81
C GLY C 1 -8.15 17.52 -0.62
N MET C 2 -9.30 16.90 -0.90
CA MET C 2 -9.62 16.36 -2.22
CA MET C 2 -9.51 16.34 -2.24
C MET C 2 -9.97 17.39 -3.26
N SER C 3 -9.98 16.97 -4.54
CA SER C 3 -10.38 17.84 -5.62
CA SER C 3 -10.39 17.87 -5.60
C SER C 3 -11.91 17.88 -5.71
N ARG C 4 -12.46 18.96 -6.21
CA ARG C 4 -13.92 19.07 -6.41
C ARG C 4 -14.31 18.77 -7.88
N ILE C 5 -13.32 18.61 -8.78
CA ILE C 5 -13.56 18.35 -10.19
C ILE C 5 -14.28 17.05 -10.42
N GLY C 6 -15.35 17.18 -11.17
CA GLY C 6 -16.20 16.09 -11.61
C GLY C 6 -16.08 16.05 -13.10
N MET C 7 -15.57 14.96 -13.59
CA MET C 7 -15.34 14.68 -14.98
C MET C 7 -15.84 13.25 -15.14
N GLU C 8 -16.86 13.00 -15.99
CA GLU C 8 -17.34 11.63 -16.20
CA GLU C 8 -17.36 11.63 -16.19
C GLU C 8 -16.77 11.07 -17.47
N VAL C 9 -16.44 9.76 -17.51
CA VAL C 9 -15.84 9.17 -18.72
C VAL C 9 -16.75 9.12 -19.93
C ACT D . 11.75 -3.93 16.61
O ACT D . 11.97 -2.70 16.58
OXT ACT D . 10.62 -4.47 16.46
CH3 ACT D . 12.95 -4.84 16.84
CD CD E . -9.98 26.50 -21.37
CD CD F . -10.16 11.74 -32.86
NA NA G . 10.75 18.13 4.87
NA NA H . 4.04 -7.19 -1.74
NA NA I . 29.58 -15.00 -4.21
NA NA J . -11.44 -19.43 -5.20
#